data_5BTW
#
_entry.id   5BTW
#
_cell.length_a   32.410
_cell.length_b   56.920
_cell.length_c   60.184
_cell.angle_alpha   90.00
_cell.angle_beta   91.18
_cell.angle_gamma   90.00
#
_symmetry.space_group_name_H-M   'P 1 21 1'
#
loop_
_entity.id
_entity.type
_entity.pdbx_description
1 polymer 'Uncharacterized protein'
2 water water
#
_entity_poly.entity_id   1
_entity_poly.type   'polypeptide(L)'
_entity_poly.pdbx_seq_one_letter_code
;MVTKIIWVSNNGKPNLKIEFVSEEEKSNFFKEVKKKASELGLNFPLVQGSGNSLLIEASNYPINPCGCYISPGGKLAINF
GKVELSHFILPKVGVKTEHAEIFKDHNTIFFHKHKLPGVNSELTFIPTGTPVIVPVTKLEHHHHHH
;
_entity_poly.pdbx_strand_id   A,B
#
# COMPACT_ATOMS: atom_id res chain seq x y z
N MET A 1 21.22 -1.60 -16.23
CA MET A 1 20.66 -0.60 -15.29
C MET A 1 19.40 -1.14 -14.60
N VAL A 2 19.04 -0.51 -13.49
CA VAL A 2 17.70 -0.61 -12.94
C VAL A 2 16.81 0.18 -13.90
N THR A 3 15.85 -0.49 -14.50
CA THR A 3 14.96 0.13 -15.46
C THR A 3 13.87 0.93 -14.76
N LYS A 4 13.36 0.42 -13.65
CA LYS A 4 12.23 1.05 -12.98
C LYS A 4 12.10 0.51 -11.56
N ILE A 5 11.50 1.33 -10.72
CA ILE A 5 11.07 0.89 -9.39
C ILE A 5 9.56 1.12 -9.27
N ILE A 6 8.93 0.31 -8.42
CA ILE A 6 7.48 0.36 -8.29
C ILE A 6 7.12 0.24 -6.82
N TRP A 7 6.29 1.16 -6.34
CA TRP A 7 5.68 1.01 -5.01
C TRP A 7 4.63 -0.07 -5.12
N VAL A 8 4.78 -1.16 -4.37
CA VAL A 8 3.76 -2.20 -4.39
C VAL A 8 3.28 -2.47 -2.97
N SER A 9 2.13 -3.15 -2.87
CA SER A 9 1.62 -3.51 -1.56
C SER A 9 1.50 -5.01 -1.51
N ASN A 10 2.12 -5.63 -0.51
CA ASN A 10 2.07 -7.08 -0.33
C ASN A 10 1.68 -7.36 1.11
N ASN A 11 0.61 -8.15 1.27
CA ASN A 11 0.11 -8.50 2.62
C ASN A 11 -0.14 -7.25 3.47
N GLY A 12 -0.64 -6.22 2.80
CA GLY A 12 -0.99 -4.95 3.45
C GLY A 12 0.18 -4.03 3.76
N LYS A 13 1.39 -4.36 3.33
CA LYS A 13 2.60 -3.60 3.69
C LYS A 13 3.28 -3.08 2.43
N PRO A 14 3.91 -1.91 2.53
CA PRO A 14 4.60 -1.36 1.37
C PRO A 14 5.89 -2.11 1.08
N ASN A 15 6.14 -2.37 -0.20
CA ASN A 15 7.43 -2.87 -0.66
C ASN A 15 7.85 -2.03 -1.84
N LEU A 16 9.15 -2.07 -2.18
CA LEU A 16 9.64 -1.48 -3.42
C LEU A 16 10.13 -2.55 -4.35
N LYS A 17 9.48 -2.70 -5.50
CA LYS A 17 9.91 -3.61 -6.53
C LYS A 17 10.99 -2.92 -7.38
N ILE A 18 12.06 -3.65 -7.70
CA ILE A 18 13.18 -3.12 -8.48
C ILE A 18 13.38 -4.02 -9.67
N GLU A 19 13.29 -3.48 -10.89
CA GLU A 19 13.48 -4.24 -12.13
C GLU A 19 14.80 -3.90 -12.78
N PHE A 20 15.42 -4.88 -13.42
CA PHE A 20 16.72 -4.75 -14.02
C PHE A 20 16.65 -5.12 -15.50
N VAL A 21 17.62 -4.64 -16.28
CA VAL A 21 17.65 -4.99 -17.69
CA VAL A 21 17.65 -5.05 -17.72
C VAL A 21 17.89 -6.51 -17.88
N SER A 22 18.65 -7.13 -16.99
CA SER A 22 18.96 -8.55 -17.11
C SER A 22 18.98 -9.27 -15.78
N GLU A 23 18.85 -10.58 -15.85
CA GLU A 23 19.00 -11.46 -14.69
C GLU A 23 20.40 -11.34 -14.10
N GLU A 24 21.42 -11.23 -14.96
CA GLU A 24 22.80 -11.07 -14.52
C GLU A 24 22.95 -9.83 -13.66
N GLU A 25 22.38 -8.72 -14.12
CA GLU A 25 22.46 -7.46 -13.37
C GLU A 25 21.73 -7.58 -12.03
N LYS A 26 20.54 -8.18 -12.06
CA LYS A 26 19.77 -8.39 -10.83
CA LYS A 26 19.76 -8.41 -10.83
CA LYS A 26 19.76 -8.43 -10.84
C LYS A 26 20.57 -9.22 -9.82
N SER A 27 21.16 -10.31 -10.30
CA SER A 27 21.92 -11.21 -9.44
C SER A 27 23.14 -10.54 -8.84
N ASN A 28 23.84 -9.74 -9.64
CA ASN A 28 25.00 -8.99 -9.13
C ASN A 28 24.59 -7.98 -8.08
N PHE A 29 23.50 -7.27 -8.33
CA PHE A 29 22.99 -6.30 -7.35
C PHE A 29 22.63 -7.02 -6.05
N PHE A 30 21.89 -8.12 -6.16
CA PHE A 30 21.48 -8.87 -4.97
C PHE A 30 22.69 -9.26 -4.11
N LYS A 31 23.67 -9.86 -4.78
CA LYS A 31 24.89 -10.28 -4.10
C LYS A 31 25.63 -9.12 -3.46
N GLU A 32 25.85 -8.05 -4.23
CA GLU A 32 26.63 -6.92 -3.73
C GLU A 32 25.95 -6.22 -2.56
N VAL A 33 24.62 -6.06 -2.63
CA VAL A 33 23.90 -5.39 -1.59
C VAL A 33 23.83 -6.26 -0.33
N LYS A 34 23.61 -7.55 -0.49
CA LYS A 34 23.63 -8.46 0.66
C LYS A 34 25.03 -8.50 1.31
N LYS A 35 26.08 -8.47 0.49
CA LYS A 35 27.45 -8.41 1.02
C LYS A 35 27.66 -7.15 1.83
N LYS A 36 27.30 -5.99 1.28
CA LYS A 36 27.48 -4.74 1.99
C LYS A 36 26.68 -4.71 3.26
N ALA A 37 25.43 -5.18 3.23
CA ALA A 37 24.60 -5.23 4.44
C ALA A 37 25.27 -6.09 5.52
N SER A 38 25.80 -7.24 5.12
CA SER A 38 26.48 -8.11 6.08
C SER A 38 27.70 -7.43 6.72
N GLU A 39 28.46 -6.70 5.92
CA GLU A 39 29.65 -5.98 6.40
C GLU A 39 29.27 -4.90 7.41
N LEU A 40 28.05 -4.37 7.32
CA LEU A 40 27.54 -3.35 8.20
C LEU A 40 26.71 -3.93 9.35
N GLY A 41 26.63 -5.24 9.44
CA GLY A 41 25.87 -5.88 10.50
C GLY A 41 24.37 -5.66 10.40
N LEU A 42 23.84 -5.52 9.19
CA LEU A 42 22.43 -5.25 8.95
C LEU A 42 21.75 -6.40 8.27
N ASN A 43 20.50 -6.65 8.64
CA ASN A 43 19.62 -7.56 7.93
C ASN A 43 18.72 -6.70 7.04
N PHE A 44 19.16 -6.50 5.80
CA PHE A 44 18.42 -5.66 4.88
C PHE A 44 17.44 -6.53 4.08
N PRO A 45 16.12 -6.24 4.13
CA PRO A 45 15.12 -7.17 3.60
C PRO A 45 14.93 -7.06 2.10
N LEU A 46 16.02 -7.26 1.38
CA LEU A 46 16.02 -7.38 -0.08
C LEU A 46 15.80 -8.85 -0.43
N VAL A 47 14.73 -9.13 -1.16
CA VAL A 47 14.36 -10.52 -1.50
C VAL A 47 14.20 -10.67 -3.01
N GLN A 48 14.27 -11.90 -3.47
CA GLN A 48 14.10 -12.24 -4.88
C GLN A 48 12.63 -12.11 -5.28
N GLY A 49 12.39 -11.55 -6.45
CA GLY A 49 11.03 -11.48 -7.04
C GLY A 49 10.90 -12.36 -8.23
N SER A 50 11.77 -12.20 -9.20
CA SER A 50 11.70 -12.94 -10.47
C SER A 50 13.06 -12.93 -11.08
N GLY A 51 13.18 -13.48 -12.29
CA GLY A 51 14.46 -13.47 -13.00
C GLY A 51 15.11 -12.11 -13.06
N ASN A 52 14.33 -11.05 -13.24
CA ASN A 52 14.86 -9.69 -13.38
C ASN A 52 14.40 -8.70 -12.33
N SER A 53 13.81 -9.19 -11.22
CA SER A 53 13.32 -8.25 -10.20
C SER A 53 13.57 -8.70 -8.80
N LEU A 54 13.70 -7.70 -7.92
CA LEU A 54 13.86 -7.88 -6.47
C LEU A 54 12.81 -7.04 -5.76
N LEU A 55 12.64 -7.28 -4.47
CA LEU A 55 11.76 -6.45 -3.64
C LEU A 55 12.50 -6.02 -2.39
N ILE A 56 12.34 -4.79 -1.99
CA ILE A 56 12.68 -4.36 -0.64
C ILE A 56 11.40 -4.45 0.18
N GLU A 57 11.42 -5.31 1.20
CA GLU A 57 10.22 -5.53 2.02
C GLU A 57 10.07 -4.46 3.10
N ALA A 58 9.02 -4.61 3.90
CA ALA A 58 8.67 -3.58 4.90
C ALA A 58 9.62 -3.62 6.08
N SER A 59 9.80 -2.47 6.72
CA SER A 59 10.52 -2.40 7.98
C SER A 59 9.76 -3.13 9.10
N ASN A 60 10.50 -3.49 10.14
CA ASN A 60 9.95 -4.20 11.31
C ASN A 60 10.44 -3.53 12.59
N TYR A 61 10.32 -2.21 12.67
CA TYR A 61 10.71 -1.46 13.86
C TYR A 61 9.89 -1.98 15.06
N PRO A 62 10.53 -2.17 16.22
CA PRO A 62 11.90 -1.86 16.53
C PRO A 62 12.88 -3.06 16.40
N ILE A 63 12.38 -4.21 15.99
CA ILE A 63 13.23 -5.38 15.84
C ILE A 63 14.25 -5.22 14.72
N ASN A 64 13.78 -4.73 13.58
CA ASN A 64 14.67 -4.49 12.43
C ASN A 64 14.21 -3.19 11.77
N PRO A 65 14.99 -2.12 11.88
CA PRO A 65 14.59 -0.83 11.30
C PRO A 65 14.61 -0.83 9.78
N CYS A 66 15.33 -1.76 9.16
CA CYS A 66 15.53 -1.69 7.72
C CYS A 66 14.29 -2.08 6.93
N GLY A 67 14.01 -1.32 5.87
CA GLY A 67 12.93 -1.63 4.95
C GLY A 67 12.01 -0.45 4.69
N CYS A 68 10.92 -0.73 4.00
CA CYS A 68 9.97 0.30 3.57
C CYS A 68 8.94 0.59 4.63
N TYR A 69 8.49 1.83 4.68
CA TYR A 69 7.34 2.22 5.48
C TYR A 69 6.72 3.45 4.87
N ILE A 70 5.47 3.71 5.28
CA ILE A 70 4.80 4.95 4.84
C ILE A 70 4.98 5.98 5.95
N SER A 71 5.51 7.14 5.59
CA SER A 71 5.71 8.20 6.55
C SER A 71 4.36 8.82 6.96
N PRO A 72 4.34 9.53 8.10
CA PRO A 72 3.07 10.17 8.53
C PRO A 72 2.42 11.08 7.46
N GLY A 73 3.27 11.72 6.65
CA GLY A 73 2.81 12.57 5.56
C GLY A 73 2.43 11.83 4.29
N GLY A 74 2.57 10.49 4.29
CA GLY A 74 2.10 9.68 3.17
C GLY A 74 3.15 9.38 2.11
N LYS A 75 4.42 9.62 2.42
CA LYS A 75 5.50 9.33 1.47
C LYS A 75 6.01 7.92 1.67
N LEU A 76 6.39 7.25 0.58
CA LEU A 76 7.10 5.98 0.71
C LEU A 76 8.53 6.27 1.17
N ALA A 77 8.87 5.69 2.31
CA ALA A 77 10.18 5.86 2.95
C ALA A 77 10.91 4.54 2.93
N ILE A 78 12.25 4.60 2.82
CA ILE A 78 13.03 3.41 2.98
C ILE A 78 14.15 3.69 4.00
N ASN A 79 14.21 2.86 5.04
CA ASN A 79 15.26 2.92 6.02
C ASN A 79 16.30 1.87 5.63
N PHE A 80 17.53 2.34 5.45
CA PHE A 80 18.67 1.49 5.05
C PHE A 80 19.55 1.07 6.21
N GLY A 81 19.14 1.39 7.44
CA GLY A 81 19.88 0.95 8.63
C GLY A 81 21.06 1.82 8.98
N LYS A 82 21.97 1.96 8.02
CA LYS A 82 23.13 2.84 8.13
C LYS A 82 23.27 3.67 6.87
N VAL A 83 23.81 4.86 7.04
CA VAL A 83 24.03 5.74 5.90
CA VAL A 83 24.12 5.77 5.93
C VAL A 83 24.91 5.06 4.82
N GLU A 84 25.86 4.23 5.25
CA GLU A 84 26.75 3.58 4.29
C GLU A 84 26.01 2.67 3.34
N LEU A 85 24.93 2.02 3.82
CA LEU A 85 24.15 1.16 2.92
C LEU A 85 23.33 1.98 1.93
N SER A 86 22.69 3.06 2.41
CA SER A 86 21.95 3.97 1.52
C SER A 86 22.89 4.51 0.45
N HIS A 87 24.06 4.97 0.88
CA HIS A 87 25.02 5.55 -0.08
C HIS A 87 25.43 4.53 -1.14
N PHE A 88 25.62 3.28 -0.74
CA PHE A 88 25.99 2.19 -1.65
C PHE A 88 24.89 1.90 -2.64
N ILE A 89 23.64 1.85 -2.17
CA ILE A 89 22.49 1.40 -2.99
C ILE A 89 21.98 2.45 -3.97
N LEU A 90 21.83 3.69 -3.52
CA LEU A 90 21.09 4.67 -4.33
C LEU A 90 21.64 4.87 -5.75
N PRO A 91 22.98 4.99 -5.94
CA PRO A 91 23.49 5.17 -7.31
C PRO A 91 23.29 3.94 -8.17
N LYS A 92 23.22 2.76 -7.55
CA LYS A 92 23.00 1.52 -8.31
CA LYS A 92 23.00 1.51 -8.30
C LYS A 92 21.56 1.45 -8.78
N VAL A 93 20.64 2.02 -8.02
CA VAL A 93 19.22 2.08 -8.42
C VAL A 93 18.96 3.26 -9.37
N GLY A 94 19.74 4.33 -9.22
CA GLY A 94 19.53 5.56 -9.99
C GLY A 94 18.74 6.63 -9.25
N VAL A 95 18.51 6.43 -7.94
CA VAL A 95 17.73 7.39 -7.14
C VAL A 95 18.57 8.61 -6.81
N LYS A 96 18.04 9.76 -7.16
CA LYS A 96 18.71 11.05 -7.01
C LYS A 96 17.77 12.05 -6.33
N THR A 97 18.29 13.24 -6.09
CA THR A 97 17.54 14.32 -5.42
C THR A 97 16.21 14.64 -6.11
N GLU A 98 16.14 14.47 -7.44
CA GLU A 98 14.88 14.71 -8.16
C GLU A 98 13.80 13.69 -7.78
N HIS A 99 14.21 12.54 -7.22
CA HIS A 99 13.26 11.46 -6.92
C HIS A 99 12.86 11.40 -5.44
N ALA A 100 13.76 11.80 -4.56
CA ALA A 100 13.57 11.56 -3.13
C ALA A 100 14.28 12.62 -2.32
N GLU A 101 13.80 12.81 -1.09
CA GLU A 101 14.54 13.54 -0.06
C GLU A 101 15.62 12.61 0.47
N ILE A 102 16.87 13.07 0.35
CA ILE A 102 18.07 12.29 0.71
C ILE A 102 18.90 13.19 1.61
N PHE A 103 19.32 12.67 2.76
CA PHE A 103 20.06 13.47 3.75
C PHE A 103 21.45 12.87 3.95
N LYS A 104 22.48 13.73 3.92
CA LYS A 104 23.84 13.22 3.80
C LYS A 104 24.21 12.29 4.93
N ASP A 105 23.75 12.63 6.14
CA ASP A 105 24.17 11.84 7.30
C ASP A 105 23.05 11.04 7.97
N HIS A 106 22.05 10.63 7.19
CA HIS A 106 20.92 9.85 7.71
C HIS A 106 20.65 8.61 6.87
N ASN A 107 20.02 7.63 7.50
CA ASN A 107 19.85 6.33 6.90
C ASN A 107 18.55 6.11 6.13
N THR A 108 17.72 7.15 6.00
CA THR A 108 16.38 6.99 5.46
C THR A 108 16.13 8.00 4.37
N ILE A 109 15.49 7.58 3.28
CA ILE A 109 15.04 8.49 2.23
C ILE A 109 13.52 8.49 2.16
N PHE A 110 12.97 9.55 1.54
CA PHE A 110 11.53 9.67 1.36
C PHE A 110 11.28 10.01 -0.10
N PHE A 111 10.59 9.14 -0.83
CA PHE A 111 10.29 9.43 -2.24
C PHE A 111 9.30 10.57 -2.30
N HIS A 112 9.52 11.51 -3.22
CA HIS A 112 8.57 12.61 -3.41
C HIS A 112 7.22 12.04 -3.86
N LYS A 113 6.14 12.59 -3.30
CA LYS A 113 4.82 12.14 -3.70
C LYS A 113 4.57 12.28 -5.21
N HIS A 114 5.06 13.37 -5.82
CA HIS A 114 4.80 13.58 -7.24
C HIS A 114 5.53 12.59 -8.12
N LYS A 115 6.54 11.91 -7.57
CA LYS A 115 7.27 10.87 -8.29
C LYS A 115 6.73 9.47 -8.05
N LEU A 116 6.36 9.18 -6.81
CA LEU A 116 5.77 7.89 -6.46
C LEU A 116 4.57 8.17 -5.56
N PRO A 117 3.40 8.44 -6.17
CA PRO A 117 2.28 8.89 -5.35
C PRO A 117 1.56 7.79 -4.58
N GLY A 118 1.62 6.55 -5.02
CA GLY A 118 0.89 5.48 -4.32
C GLY A 118 1.17 4.09 -4.84
N VAL A 119 0.34 3.15 -4.38
CA VAL A 119 0.50 1.75 -4.70
C VAL A 119 0.40 1.57 -6.20
N ASN A 120 1.35 0.84 -6.75
CA ASN A 120 1.50 0.51 -8.16
C ASN A 120 2.00 1.66 -9.01
N SER A 121 2.39 2.77 -8.39
CA SER A 121 3.10 3.82 -9.11
C SER A 121 4.50 3.34 -9.51
N GLU A 122 4.89 3.70 -10.73
CA GLU A 122 6.19 3.30 -11.28
C GLU A 122 7.05 4.52 -11.54
N LEU A 123 8.35 4.37 -11.37
CA LEU A 123 9.31 5.42 -11.68
C LEU A 123 10.36 4.79 -12.58
N THR A 124 10.52 5.36 -13.78
CA THR A 124 11.54 4.92 -14.73
C THR A 124 12.74 5.83 -14.70
N PHE A 125 13.88 5.31 -15.10
CA PHE A 125 15.14 6.05 -15.05
C PHE A 125 15.73 6.29 -16.43
N ILE A 126 16.51 7.36 -16.55
CA ILE A 126 17.18 7.69 -17.81
C ILE A 126 18.57 7.08 -17.76
N PRO A 127 18.95 6.28 -18.80
CA PRO A 127 20.28 5.69 -18.86
C PRO A 127 21.35 6.79 -18.99
N THR A 128 22.44 6.64 -18.26
CA THR A 128 23.37 7.78 -18.07
C THR A 128 23.66 8.64 -19.28
N GLY A 129 24.24 7.95 -20.31
CA GLY A 129 24.75 8.74 -21.50
C GLY A 129 23.92 8.44 -22.76
N THR A 130 22.62 8.25 -22.59
CA THR A 130 21.77 7.87 -23.72
C THR A 130 21.69 8.97 -24.81
N PRO A 131 21.78 8.60 -26.09
CA PRO A 131 21.61 9.59 -27.15
C PRO A 131 20.16 10.05 -27.19
N VAL A 132 19.91 11.22 -27.77
CA VAL A 132 18.53 11.74 -27.80
C VAL A 132 17.48 10.81 -28.43
N MET B 1 -3.65 5.05 11.15
CA MET B 1 -4.31 3.82 10.63
C MET B 1 -5.82 3.86 10.87
N VAL B 2 -6.53 3.03 10.11
CA VAL B 2 -7.89 2.66 10.40
C VAL B 2 -7.85 1.71 11.60
N THR B 3 -8.60 2.05 12.63
CA THR B 3 -8.56 1.25 13.84
C THR B 3 -9.66 0.20 13.92
N LYS B 4 -10.76 0.40 13.19
CA LYS B 4 -11.91 -0.53 13.25
C LYS B 4 -12.75 -0.38 12.00
N ILE B 5 -13.28 -1.49 11.49
CA ILE B 5 -14.37 -1.43 10.52
C ILE B 5 -15.57 -2.20 11.08
N ILE B 6 -16.76 -1.77 10.75
CA ILE B 6 -17.98 -2.33 11.29
C ILE B 6 -18.99 -2.51 10.18
N TRP B 7 -19.58 -3.70 10.09
CA TRP B 7 -20.73 -3.93 9.24
C TRP B 7 -21.93 -3.24 9.93
N VAL B 8 -22.48 -2.21 9.33
CA VAL B 8 -23.62 -1.51 9.90
C VAL B 8 -24.71 -1.50 8.86
N SER B 9 -25.76 -0.77 9.12
CA SER B 9 -26.84 -0.68 8.15
C SER B 9 -27.53 0.66 8.09
N ASN B 10 -28.13 0.94 6.97
CA ASN B 10 -28.89 2.21 6.73
CA ASN B 10 -28.94 2.12 6.90
C ASN B 10 -30.04 1.82 5.86
N ASN B 11 -31.28 2.12 6.24
CA ASN B 11 -32.44 1.72 5.45
C ASN B 11 -32.55 0.25 5.11
N GLY B 12 -32.12 -0.57 6.04
CA GLY B 12 -32.18 -2.01 5.86
C GLY B 12 -31.05 -2.61 5.03
N LYS B 13 -30.16 -1.75 4.48
CA LYS B 13 -29.09 -2.16 3.56
C LYS B 13 -27.73 -2.07 4.21
N PRO B 14 -26.79 -2.92 3.77
CA PRO B 14 -25.48 -2.90 4.40
C PRO B 14 -24.67 -1.66 4.08
N ASN B 15 -23.94 -1.19 5.10
CA ASN B 15 -22.88 -0.19 4.95
C ASN B 15 -21.65 -0.69 5.68
N LEU B 16 -20.48 -0.14 5.32
CA LEU B 16 -19.27 -0.39 6.11
C LEU B 16 -18.83 0.89 6.78
N LYS B 17 -18.82 0.89 8.11
CA LYS B 17 -18.28 2.00 8.89
C LYS B 17 -16.78 1.83 9.02
N ILE B 18 -16.04 2.91 8.76
CA ILE B 18 -14.57 2.91 8.85
C ILE B 18 -14.16 3.95 9.88
N GLU B 19 -13.52 3.49 10.96
CA GLU B 19 -13.09 4.37 12.04
C GLU B 19 -11.58 4.60 11.93
N PHE B 20 -11.20 5.86 12.07
CA PHE B 20 -9.82 6.26 11.94
C PHE B 20 -9.29 6.72 13.29
N VAL B 21 -7.96 6.64 13.44
CA VAL B 21 -7.30 7.12 14.63
C VAL B 21 -7.55 8.60 14.87
N SER B 22 -7.67 9.37 13.79
CA SER B 22 -7.77 10.83 13.92
C SER B 22 -8.68 11.41 12.83
N GLU B 23 -9.21 12.59 13.13
CA GLU B 23 -10.01 13.37 12.19
C GLU B 23 -9.17 13.71 10.95
N GLU B 24 -7.90 14.08 11.14
CA GLU B 24 -7.00 14.36 10.04
C GLU B 24 -6.88 13.17 9.08
N GLU B 25 -6.63 11.98 9.62
CA GLU B 25 -6.51 10.80 8.76
C GLU B 25 -7.81 10.52 8.03
N LYS B 26 -8.93 10.63 8.74
CA LYS B 26 -10.24 10.45 8.13
CA LYS B 26 -10.24 10.45 8.13
CA LYS B 26 -10.24 10.44 8.13
C LYS B 26 -10.41 11.40 6.94
N SER B 27 -10.11 12.68 7.17
CA SER B 27 -10.30 13.70 6.13
C SER B 27 -9.40 13.42 4.94
N ASN B 28 -8.16 13.04 5.19
CA ASN B 28 -7.25 12.72 4.08
C ASN B 28 -7.71 11.52 3.27
N PHE B 29 -8.17 10.48 3.97
CA PHE B 29 -8.71 9.29 3.29
C PHE B 29 -9.92 9.68 2.43
N PHE B 30 -10.83 10.46 3.01
CA PHE B 30 -12.03 10.92 2.29
C PHE B 30 -11.64 11.61 0.98
N LYS B 31 -10.71 12.57 1.05
CA LYS B 31 -10.25 13.31 -0.12
C LYS B 31 -9.55 12.42 -1.14
N GLU B 32 -8.62 11.61 -0.66
CA GLU B 32 -7.79 10.80 -1.56
C GLU B 32 -8.60 9.72 -2.28
N VAL B 33 -9.43 9.02 -1.51
CA VAL B 33 -10.24 7.94 -2.07
C VAL B 33 -11.28 8.48 -3.04
N LYS B 34 -11.94 9.57 -2.70
CA LYS B 34 -12.93 10.13 -3.61
C LYS B 34 -12.26 10.68 -4.88
N LYS B 35 -11.07 11.24 -4.75
CA LYS B 35 -10.32 11.69 -5.94
C LYS B 35 -9.99 10.52 -6.84
N LYS B 36 -9.48 9.44 -6.27
CA LYS B 36 -9.14 8.25 -7.08
C LYS B 36 -10.36 7.70 -7.77
N ALA B 37 -11.46 7.57 -7.03
CA ALA B 37 -12.70 7.06 -7.60
C ALA B 37 -13.12 7.93 -8.80
N SER B 38 -13.07 9.24 -8.65
CA SER B 38 -13.46 10.13 -9.72
CA SER B 38 -13.46 10.11 -9.73
C SER B 38 -12.51 9.98 -10.93
N GLU B 39 -11.22 9.84 -10.66
CA GLU B 39 -10.25 9.63 -11.74
C GLU B 39 -10.56 8.39 -12.55
N LEU B 40 -11.16 7.39 -11.91
CA LEU B 40 -11.59 6.18 -12.57
C LEU B 40 -12.98 6.26 -13.21
N GLY B 41 -13.59 7.42 -13.13
CA GLY B 41 -14.93 7.62 -13.70
C GLY B 41 -16.03 6.99 -12.89
N LEU B 42 -15.81 6.79 -11.59
CA LEU B 42 -16.76 6.12 -10.74
C LEU B 42 -17.45 7.05 -9.78
N ASN B 43 -18.64 6.65 -9.34
CA ASN B 43 -19.37 7.28 -8.26
CA ASN B 43 -19.34 7.29 -8.24
C ASN B 43 -19.29 6.32 -7.06
N PHE B 44 -18.25 6.45 -6.25
CA PHE B 44 -18.05 5.54 -5.14
C PHE B 44 -18.68 6.14 -3.90
N PRO B 45 -19.63 5.42 -3.26
CA PRO B 45 -20.48 6.05 -2.22
C PRO B 45 -19.81 6.07 -0.83
N LEU B 46 -18.70 6.80 -0.73
CA LEU B 46 -18.01 7.05 0.52
C LEU B 46 -18.50 8.36 1.10
N VAL B 47 -19.11 8.31 2.29
CA VAL B 47 -19.71 9.48 2.90
C VAL B 47 -19.19 9.69 4.32
N GLN B 48 -19.42 10.90 4.84
CA GLN B 48 -19.02 11.25 6.18
C GLN B 48 -19.93 10.61 7.22
N GLY B 49 -19.34 10.19 8.34
CA GLY B 49 -20.10 9.61 9.47
C GLY B 49 -19.98 10.44 10.72
N SER B 50 -18.76 10.75 11.13
CA SER B 50 -18.50 11.53 12.35
C SER B 50 -17.14 12.17 12.22
N GLY B 51 -16.65 12.76 13.32
CA GLY B 51 -15.31 13.33 13.35
C GLY B 51 -14.24 12.35 12.90
N ASN B 52 -14.38 11.06 13.29
CA ASN B 52 -13.37 10.07 13.01
C ASN B 52 -13.84 8.91 12.16
N SER B 53 -15.04 8.98 11.57
CA SER B 53 -15.52 7.85 10.79
C SER B 53 -16.17 8.25 9.46
N LEU B 54 -16.08 7.31 8.53
CA LEU B 54 -16.74 7.38 7.23
C LEU B 54 -17.60 6.15 7.02
N LEU B 55 -18.46 6.19 6.02
CA LEU B 55 -19.26 5.01 5.66
C LEU B 55 -19.13 4.73 4.17
N ILE B 56 -19.00 3.47 3.79
CA ILE B 56 -19.25 3.05 2.43
C ILE B 56 -20.72 2.61 2.38
N GLU B 57 -21.51 3.32 1.57
CA GLU B 57 -22.94 3.04 1.50
C GLU B 57 -23.23 1.85 0.57
N ALA B 58 -24.52 1.54 0.43
CA ALA B 58 -24.96 0.37 -0.32
C ALA B 58 -24.80 0.59 -1.80
N SER B 59 -24.58 -0.50 -2.52
CA SER B 59 -24.61 -0.48 -3.99
C SER B 59 -26.01 -0.10 -4.50
N ASN B 60 -26.01 0.41 -5.73
CA ASN B 60 -27.25 0.81 -6.41
C ASN B 60 -27.37 0.13 -7.76
N TYR B 61 -27.18 -1.17 -7.79
CA TYR B 61 -27.40 -1.99 -8.97
C TYR B 61 -28.85 -1.79 -9.44
N PRO B 62 -29.07 -1.64 -10.76
CA PRO B 62 -28.14 -1.77 -11.85
C PRO B 62 -27.52 -0.46 -12.36
N ILE B 63 -27.80 0.65 -11.69
CA ILE B 63 -27.36 1.98 -12.16
C ILE B 63 -25.91 2.25 -11.75
N ASN B 64 -25.57 1.93 -10.51
CA ASN B 64 -24.24 2.17 -9.98
C ASN B 64 -23.87 0.98 -9.09
N PRO B 65 -23.02 0.10 -9.59
CA PRO B 65 -22.74 -1.11 -8.80
C PRO B 65 -21.83 -0.86 -7.59
N CYS B 66 -21.18 0.30 -7.48
CA CYS B 66 -20.24 0.57 -6.38
C CYS B 66 -20.95 0.60 -5.05
N GLY B 67 -20.31 -0.02 -4.05
CA GLY B 67 -20.85 -0.02 -2.70
C GLY B 67 -21.04 -1.39 -2.14
N CYS B 68 -21.71 -1.46 -0.99
CA CYS B 68 -21.88 -2.71 -0.25
C CYS B 68 -23.13 -3.45 -0.66
N TYR B 69 -23.03 -4.78 -0.60
CA TYR B 69 -24.21 -5.61 -0.78
C TYR B 69 -23.95 -6.94 -0.09
N ILE B 70 -25.00 -7.74 0.09
CA ILE B 70 -24.86 -9.06 0.69
CA ILE B 70 -24.88 -9.07 0.69
C ILE B 70 -24.76 -10.11 -0.41
N SER B 71 -23.71 -10.92 -0.37
CA SER B 71 -23.47 -11.93 -1.42
C SER B 71 -24.51 -13.05 -1.34
N PRO B 72 -24.60 -13.91 -2.39
CA PRO B 72 -25.56 -15.01 -2.33
C PRO B 72 -25.32 -15.93 -1.12
N GLY B 73 -24.08 -16.06 -0.68
CA GLY B 73 -23.77 -16.86 0.52
C GLY B 73 -23.91 -16.14 1.86
N GLY B 74 -24.29 -14.85 1.82
CA GLY B 74 -24.51 -14.10 3.05
C GLY B 74 -23.33 -13.30 3.55
N LYS B 75 -22.29 -13.17 2.73
CA LYS B 75 -21.09 -12.39 3.07
C LYS B 75 -21.29 -10.93 2.76
N LEU B 76 -20.65 -10.06 3.55
CA LEU B 76 -20.60 -8.64 3.20
C LEU B 76 -19.66 -8.48 2.01
N ALA B 77 -20.20 -7.98 0.91
CA ALA B 77 -19.46 -7.71 -0.32
C ALA B 77 -19.30 -6.22 -0.52
N ILE B 78 -18.18 -5.81 -1.07
CA ILE B 78 -18.00 -4.42 -1.51
C ILE B 78 -17.50 -4.40 -2.94
N ASN B 79 -18.28 -3.74 -3.80
CA ASN B 79 -17.91 -3.53 -5.18
C ASN B 79 -17.22 -2.16 -5.29
N PHE B 80 -15.96 -2.17 -5.74
CA PHE B 80 -15.14 -0.97 -5.84
C PHE B 80 -15.14 -0.36 -7.22
N GLY B 81 -15.95 -0.89 -8.15
CA GLY B 81 -16.10 -0.30 -9.48
C GLY B 81 -15.00 -0.70 -10.44
N LYS B 82 -13.75 -0.49 -10.05
CA LYS B 82 -12.56 -0.91 -10.80
C LYS B 82 -11.56 -1.49 -9.83
N VAL B 83 -10.79 -2.47 -10.29
CA VAL B 83 -9.75 -3.08 -9.45
CA VAL B 83 -9.76 -3.08 -9.45
C VAL B 83 -8.78 -2.04 -8.91
N GLU B 84 -8.50 -0.99 -9.69
CA GLU B 84 -7.55 0.02 -9.24
C GLU B 84 -8.03 0.73 -7.97
N LEU B 85 -9.34 0.91 -7.82
CA LEU B 85 -9.85 1.53 -6.59
C LEU B 85 -9.68 0.57 -5.39
N SER B 86 -9.91 -0.71 -5.59
CA SER B 86 -9.61 -1.71 -4.56
C SER B 86 -8.15 -1.68 -4.16
N HIS B 87 -7.24 -1.65 -5.14
CA HIS B 87 -5.81 -1.58 -4.84
C HIS B 87 -5.45 -0.38 -4.01
N PHE B 88 -6.14 0.74 -4.24
CA PHE B 88 -5.91 1.96 -3.54
C PHE B 88 -6.44 1.91 -2.10
N ILE B 89 -7.67 1.43 -1.95
CA ILE B 89 -8.38 1.46 -0.65
C ILE B 89 -7.90 0.39 0.33
N LEU B 90 -7.74 -0.85 -0.14
CA LEU B 90 -7.53 -1.94 0.81
C LEU B 90 -6.32 -1.77 1.72
N PRO B 91 -5.13 -1.37 1.17
CA PRO B 91 -3.97 -1.18 2.05
C PRO B 91 -4.20 -0.03 3.05
N LYS B 92 -4.95 0.99 2.67
CA LYS B 92 -5.25 2.09 3.56
C LYS B 92 -6.15 1.66 4.72
N VAL B 93 -7.04 0.70 4.47
CA VAL B 93 -7.94 0.21 5.52
C VAL B 93 -7.25 -0.88 6.33
N GLY B 94 -6.32 -1.61 5.71
CA GLY B 94 -5.67 -2.76 6.37
C GLY B 94 -6.31 -4.10 6.04
N VAL B 95 -7.14 -4.16 5.01
CA VAL B 95 -7.84 -5.38 4.60
C VAL B 95 -6.93 -6.27 3.75
N LYS B 96 -6.79 -7.52 4.20
CA LYS B 96 -5.83 -8.47 3.68
C LYS B 96 -6.53 -9.81 3.45
N THR B 97 -5.79 -10.81 2.95
CA THR B 97 -6.33 -12.18 2.75
C THR B 97 -6.94 -12.76 4.01
N GLU B 98 -6.38 -12.42 5.16
CA GLU B 98 -6.87 -12.82 6.47
CA GLU B 98 -6.93 -12.96 6.40
C GLU B 98 -8.36 -12.47 6.65
N HIS B 99 -8.76 -11.35 6.04
CA HIS B 99 -10.09 -10.76 6.24
C HIS B 99 -11.08 -11.00 5.13
N ALA B 100 -10.61 -11.13 3.90
CA ALA B 100 -11.52 -11.10 2.75
C ALA B 100 -10.99 -11.88 1.56
N GLU B 101 -11.92 -12.30 0.69
CA GLU B 101 -11.60 -12.78 -0.66
C GLU B 101 -11.35 -11.56 -1.54
N ILE B 102 -10.16 -11.48 -2.10
CA ILE B 102 -9.68 -10.31 -2.86
C ILE B 102 -9.09 -10.81 -4.19
N PHE B 103 -9.36 -10.10 -5.30
CA PHE B 103 -8.94 -10.56 -6.66
C PHE B 103 -8.22 -9.47 -7.42
N LYS B 104 -7.30 -9.88 -8.31
CA LYS B 104 -6.51 -8.96 -9.14
C LYS B 104 -7.26 -8.54 -10.39
N ASP B 105 -8.27 -9.29 -10.75
CA ASP B 105 -9.00 -9.05 -11.99
C ASP B 105 -10.48 -8.84 -11.75
N HIS B 106 -10.85 -8.55 -10.50
CA HIS B 106 -12.25 -8.21 -10.21
C HIS B 106 -12.35 -7.05 -9.20
N ASN B 107 -13.35 -6.23 -9.39
CA ASN B 107 -13.54 -5.07 -8.57
C ASN B 107 -14.19 -5.29 -7.21
N THR B 108 -14.53 -6.54 -6.88
CA THR B 108 -15.34 -6.83 -5.69
C THR B 108 -14.59 -7.72 -4.69
N ILE B 109 -14.76 -7.46 -3.40
CA ILE B 109 -14.30 -8.35 -2.34
C ILE B 109 -15.48 -8.91 -1.57
N PHE B 110 -15.24 -10.05 -0.92
CA PHE B 110 -16.20 -10.64 0.02
C PHE B 110 -15.47 -10.79 1.35
N PHE B 111 -15.98 -10.19 2.45
CA PHE B 111 -15.40 -10.46 3.77
C PHE B 111 -15.72 -11.88 4.20
N HIS B 112 -14.75 -12.58 4.79
CA HIS B 112 -15.00 -13.94 5.24
C HIS B 112 -16.07 -13.90 6.36
N LYS B 113 -16.97 -14.87 6.32
CA LYS B 113 -18.03 -15.01 7.32
C LYS B 113 -17.45 -15.05 8.72
N HIS B 114 -16.35 -15.78 8.92
CA HIS B 114 -15.78 -15.91 10.26
C HIS B 114 -15.17 -14.62 10.78
N LYS B 115 -14.90 -13.67 9.88
CA LYS B 115 -14.35 -12.38 10.28
C LYS B 115 -15.43 -11.31 10.46
N LEU B 116 -16.45 -11.30 9.60
CA LEU B 116 -17.60 -10.40 9.73
C LEU B 116 -18.87 -11.21 9.49
N PRO B 117 -19.40 -11.87 10.54
CA PRO B 117 -20.52 -12.79 10.32
C PRO B 117 -21.87 -12.15 10.05
N GLY B 118 -22.10 -10.91 10.47
CA GLY B 118 -23.41 -10.28 10.27
C GLY B 118 -23.41 -8.83 10.68
N VAL B 119 -24.57 -8.21 10.59
CA VAL B 119 -24.68 -6.80 10.92
CA VAL B 119 -24.76 -6.81 10.93
C VAL B 119 -24.22 -6.57 12.35
N ASN B 120 -23.52 -5.46 12.54
CA ASN B 120 -22.92 -5.01 13.78
C ASN B 120 -21.61 -5.69 14.14
N SER B 121 -21.18 -6.66 13.33
CA SER B 121 -19.87 -7.28 13.53
C SER B 121 -18.75 -6.27 13.28
N GLU B 122 -17.70 -6.35 14.08
CA GLU B 122 -16.56 -5.43 13.95
C GLU B 122 -15.28 -6.19 13.71
N LEU B 123 -14.33 -5.54 13.06
CA LEU B 123 -13.00 -6.04 12.90
C LEU B 123 -12.01 -4.96 13.32
N THR B 124 -11.08 -5.33 14.17
CA THR B 124 -10.01 -4.42 14.57
C THR B 124 -8.69 -4.88 13.95
N PHE B 125 -7.74 -3.97 13.89
CA PHE B 125 -6.46 -4.26 13.21
C PHE B 125 -5.31 -4.20 14.18
N ILE B 126 -4.23 -4.93 13.90
CA ILE B 126 -3.07 -4.93 14.83
C ILE B 126 -2.14 -3.77 14.47
N PRO B 127 -1.98 -2.76 15.36
CA PRO B 127 -1.00 -1.72 15.04
C PRO B 127 0.42 -2.30 15.05
N THR B 128 1.28 -1.75 14.19
CA THR B 128 2.67 -2.19 14.03
C THR B 128 3.55 -1.74 15.19
N GLY B 129 4.63 -2.46 15.45
CA GLY B 129 5.67 -2.05 16.44
C GLY B 129 5.11 -1.72 17.82
N THR B 130 4.11 -2.50 18.28
CA THR B 130 3.39 -2.18 19.53
CA THR B 130 3.37 -2.19 19.51
C THR B 130 3.63 -3.25 20.58
N PRO B 131 4.33 -2.86 21.68
CA PRO B 131 4.56 -3.84 22.75
C PRO B 131 3.25 -4.26 23.43
N VAL B 132 3.18 -5.57 23.72
CA VAL B 132 2.08 -6.30 24.31
C VAL B 132 0.70 -6.14 23.62
#